data_3P51
#
_entry.id   3P51
#
_cell.length_a   80.409
_cell.length_b   80.409
_cell.length_c   108.256
_cell.angle_alpha   90.00
_cell.angle_beta   90.00
_cell.angle_gamma   120.00
#
_symmetry.space_group_name_H-M   'P 64 2 2'
#
loop_
_entity.id
_entity.type
_entity.pdbx_description
1 polymer 'Uncharacterized protein'
2 water water
#
_entity_poly.entity_id   1
_entity_poly.type   'polypeptide(L)'
_entity_poly.pdbx_seq_one_letter_code
;(MSE)PKVYNSIVVDAPVERVWSRIRNFHDFSWAPSLIKSCKKVGGGGGYSVGARRLLNGEFLDTLIAYSEIERRI
(MSE)YS(MSE)DEGPSPVSSGEIYNYVGNLHLLPVTIDDTTFVEWSGSWESASTEAVEY(MSE)NTVYRSLLADLAAEF
TSESRRSEWIDQLEHHHHHH
;
_entity_poly.pdbx_strand_id   A
#
# COMPACT_ATOMS: atom_id res chain seq x y z
N PRO A 2 4.48 17.36 1.71
CA PRO A 2 3.04 17.18 1.84
C PRO A 2 2.70 15.77 2.29
N LYS A 3 1.44 15.51 2.57
CA LYS A 3 1.03 14.17 2.96
C LYS A 3 -0.41 13.87 2.57
N VAL A 4 -0.74 12.58 2.52
CA VAL A 4 -2.10 12.15 2.26
C VAL A 4 -2.47 11.07 3.27
N TYR A 5 -3.75 10.92 3.51
CA TYR A 5 -4.21 9.87 4.42
C TYR A 5 -5.55 9.37 3.93
N ASN A 6 -5.63 8.07 3.68
CA ASN A 6 -6.90 7.47 3.25
C ASN A 6 -7.17 6.18 3.99
N SER A 7 -8.44 5.93 4.27
CA SER A 7 -8.82 4.75 5.04
C SER A 7 -10.20 4.25 4.67
N ILE A 8 -10.43 2.96 4.92
CA ILE A 8 -11.71 2.31 4.64
C ILE A 8 -11.94 1.21 5.67
N VAL A 9 -13.19 0.77 5.78
CA VAL A 9 -13.53 -0.43 6.54
C VAL A 9 -13.86 -1.58 5.59
N VAL A 10 -13.26 -2.73 5.84
CA VAL A 10 -13.38 -3.89 4.97
C VAL A 10 -14.14 -4.99 5.71
N ASP A 11 -15.20 -5.55 5.09
CA ASP A 11 -16.02 -6.56 5.75
C ASP A 11 -15.39 -7.95 5.71
N ALA A 12 -14.30 -8.13 6.45
CA ALA A 12 -13.63 -9.40 6.60
C ALA A 12 -12.75 -9.34 7.84
N PRO A 13 -12.49 -10.49 8.46
CA PRO A 13 -11.69 -10.48 9.68
C PRO A 13 -10.25 -10.06 9.37
N VAL A 14 -9.60 -9.46 10.35
CA VAL A 14 -8.29 -8.87 10.12
C VAL A 14 -7.24 -9.91 9.70
N GLU A 15 -7.35 -11.12 10.21
CA GLU A 15 -6.41 -12.19 9.85
C GLU A 15 -6.49 -12.50 8.36
N ARG A 16 -7.70 -12.45 7.81
CA ARG A 16 -7.90 -12.71 6.39
C ARG A 16 -7.37 -11.57 5.52
N VAL A 17 -7.67 -10.34 5.93
CA VAL A 17 -7.18 -9.19 5.17
C VAL A 17 -5.66 -9.17 5.19
N TRP A 18 -5.07 -9.37 6.37
CA TRP A 18 -3.61 -9.39 6.47
C TRP A 18 -3.03 -10.49 5.58
N SER A 19 -3.60 -11.68 5.64
CA SER A 19 -3.08 -12.79 4.87
C SER A 19 -2.99 -12.42 3.38
N ARG A 20 -3.92 -11.59 2.94
CA ARG A 20 -4.00 -11.19 1.55
C ARG A 20 -2.96 -10.12 1.15
N ILE A 21 -2.68 -9.15 2.03
CA ILE A 21 -1.85 -8.00 1.67
C ILE A 21 -0.43 -8.04 2.25
N ARG A 22 -0.12 -9.06 3.04
CA ARG A 22 1.08 -9.03 3.88
C ARG A 22 2.40 -9.20 3.13
N ASN A 23 2.32 -9.55 1.85
CA ASN A 23 3.52 -9.85 1.07
C ASN A 23 3.91 -8.68 0.16
N PHE A 24 5.03 -8.04 0.47
CA PHE A 24 5.50 -6.87 -0.28
C PHE A 24 5.65 -7.16 -1.77
N HIS A 25 5.87 -8.42 -2.13
CA HIS A 25 6.02 -8.77 -3.55
C HIS A 25 4.75 -9.34 -4.20
N ASP A 26 3.66 -9.43 -3.45
CA ASP A 26 2.36 -9.83 -4.02
C ASP A 26 1.36 -8.67 -3.95
N PHE A 27 1.17 -7.99 -5.09
CA PHE A 27 0.24 -6.87 -5.18
C PHE A 27 -0.98 -7.26 -6.02
N SER A 28 -1.24 -8.55 -6.16
CA SER A 28 -2.32 -9.04 -7.02
C SER A 28 -3.69 -8.58 -6.53
N TRP A 29 -3.74 -8.05 -5.31
CA TRP A 29 -4.99 -7.63 -4.70
C TRP A 29 -5.48 -6.26 -5.14
N ALA A 30 -4.68 -5.55 -5.93
CA ALA A 30 -5.10 -4.25 -6.47
C ALA A 30 -4.93 -4.23 -8.00
N PRO A 31 -5.73 -5.03 -8.71
CA PRO A 31 -5.57 -5.19 -10.16
C PRO A 31 -5.97 -3.97 -10.99
N SER A 32 -6.75 -3.05 -10.42
CA SER A 32 -7.20 -1.89 -11.18
C SER A 32 -6.02 -1.02 -11.58
N LEU A 33 -5.21 -0.63 -10.60
CA LEU A 33 -4.10 0.26 -10.89
C LEU A 33 -2.78 -0.50 -11.09
N ILE A 34 -2.57 -1.56 -10.32
CA ILE A 34 -1.31 -2.30 -10.41
C ILE A 34 -1.39 -3.43 -11.46
N LYS A 35 -0.69 -3.24 -12.57
CA LYS A 35 -0.72 -4.20 -13.67
C LYS A 35 0.43 -5.20 -13.60
N SER A 36 1.54 -4.80 -12.99
CA SER A 36 2.68 -5.69 -12.83
C SER A 36 3.45 -5.32 -11.58
N CYS A 37 3.97 -6.34 -10.90
CA CYS A 37 4.75 -6.13 -9.69
C CYS A 37 5.96 -7.04 -9.74
N LYS A 38 7.13 -6.46 -10.05
CA LYS A 38 8.35 -7.24 -10.18
C LYS A 38 9.29 -7.09 -8.99
N LYS A 39 9.73 -8.22 -8.45
CA LYS A 39 10.77 -8.25 -7.42
C LYS A 39 12.08 -7.66 -7.95
N VAL A 40 12.71 -6.81 -7.16
CA VAL A 40 14.02 -6.25 -7.51
C VAL A 40 14.93 -6.34 -6.30
N GLY A 41 16.17 -6.75 -6.52
CA GLY A 41 17.11 -6.91 -5.43
C GLY A 41 16.82 -8.18 -4.64
N GLY A 42 17.66 -8.45 -3.64
CA GLY A 42 17.48 -9.62 -2.80
C GLY A 42 16.45 -9.41 -1.69
N GLY A 43 16.09 -10.50 -1.02
CA GLY A 43 15.10 -10.43 0.04
C GLY A 43 13.70 -10.76 -0.46
N GLY A 44 12.94 -11.49 0.35
CA GLY A 44 11.59 -11.87 -0.01
C GLY A 44 10.55 -10.84 0.39
N GLY A 45 9.28 -11.26 0.35
CA GLY A 45 8.17 -10.36 0.62
C GLY A 45 8.04 -9.78 2.02
N TYR A 46 8.85 -10.25 2.97
CA TYR A 46 8.79 -9.73 4.32
C TYR A 46 10.17 -9.28 4.78
N SER A 47 11.08 -9.13 3.83
CA SER A 47 12.47 -8.81 4.13
CA SER A 47 12.47 -8.81 4.13
C SER A 47 12.74 -7.32 3.96
N VAL A 48 12.99 -6.63 5.05
CA VAL A 48 13.29 -5.20 4.96
C VAL A 48 14.54 -4.99 4.09
N GLY A 49 14.40 -4.13 3.09
CA GLY A 49 15.44 -3.95 2.10
C GLY A 49 14.98 -4.44 0.75
N ALA A 50 13.94 -5.27 0.74
CA ALA A 50 13.41 -5.81 -0.51
C ALA A 50 12.93 -4.66 -1.36
N ARG A 51 12.91 -4.84 -2.67
CA ARG A 51 12.44 -3.79 -3.56
C ARG A 51 11.47 -4.35 -4.60
N ARG A 52 10.72 -3.45 -5.22
CA ARG A 52 9.80 -3.89 -6.25
C ARG A 52 9.66 -2.78 -7.27
N LEU A 53 9.33 -3.18 -8.49
CA LEU A 53 8.97 -2.25 -9.55
C LEU A 53 7.52 -2.52 -9.97
N LEU A 54 6.66 -1.51 -9.89
CA LEU A 54 5.26 -1.65 -10.27
C LEU A 54 4.95 -0.89 -11.55
N ASN A 55 4.18 -1.52 -12.44
CA ASN A 55 3.78 -0.89 -13.70
C ASN A 55 4.98 -0.38 -14.47
N GLY A 56 6.15 -0.93 -14.19
CA GLY A 56 7.37 -0.54 -14.87
C GLY A 56 7.85 0.87 -14.54
N GLU A 57 7.34 1.47 -13.47
CA GLU A 57 7.69 2.86 -13.22
C GLU A 57 7.77 3.29 -11.75
N PHE A 58 7.09 2.57 -10.86
CA PHE A 58 7.23 2.82 -9.44
C PHE A 58 8.28 1.89 -8.86
N LEU A 59 9.40 2.42 -8.41
CA LEU A 59 10.39 1.62 -7.69
C LEU A 59 10.27 1.84 -6.17
N ASP A 60 9.82 0.80 -5.44
CA ASP A 60 9.65 0.86 -3.97
C ASP A 60 10.71 0.03 -3.24
N THR A 61 11.16 0.50 -2.08
CA THR A 61 11.95 -0.30 -1.16
C THR A 61 11.24 -0.49 0.18
N LEU A 62 11.20 -1.72 0.70
CA LEU A 62 10.61 -1.99 2.01
C LEU A 62 11.55 -1.46 3.09
N ILE A 63 11.06 -0.52 3.90
CA ILE A 63 11.92 0.10 4.91
C ILE A 63 11.52 -0.28 6.34
N ALA A 64 10.32 -0.85 6.49
CA ALA A 64 9.90 -1.38 7.77
C ALA A 64 8.74 -2.35 7.56
N TYR A 65 8.70 -3.39 8.40
CA TYR A 65 7.67 -4.40 8.33
C TYR A 65 7.35 -4.86 9.75
N SER A 66 6.07 -4.95 10.08
CA SER A 66 5.64 -5.40 11.39
C SER A 66 4.54 -6.45 11.27
N GLU A 67 4.87 -7.68 11.65
CA GLU A 67 3.88 -8.74 11.68
C GLU A 67 2.95 -8.48 12.86
N ILE A 68 3.52 -8.06 13.99
CA ILE A 68 2.72 -7.86 15.19
C ILE A 68 1.74 -6.70 15.05
N GLU A 69 2.17 -5.61 14.39
CA GLU A 69 1.27 -4.47 14.20
C GLU A 69 0.57 -4.52 12.85
N ARG A 70 0.94 -5.47 12.01
CA ARG A 70 0.34 -5.58 10.67
C ARG A 70 0.56 -4.30 9.89
N ARG A 71 1.83 -3.94 9.69
CA ARG A 71 2.18 -2.71 9.00
C ARG A 71 3.30 -2.96 7.99
N ILE A 72 3.20 -2.29 6.84
CA ILE A 72 4.24 -2.32 5.82
C ILE A 72 4.61 -0.87 5.51
N TYR A 74 7.32 1.71 3.23
CA TYR A 74 8.26 1.68 2.11
C TYR A 74 8.58 3.08 1.63
N SER A 75 9.75 3.21 1.00
CA SER A 75 10.09 4.43 0.29
C SER A 75 9.74 4.25 -1.17
N ASP A 77 11.23 5.17 -4.42
CA ASP A 77 12.52 5.66 -4.92
C ASP A 77 12.41 6.27 -6.33
N GLU A 78 11.50 5.76 -7.14
CA GLU A 78 11.23 6.35 -8.44
C GLU A 78 9.75 6.25 -8.71
N GLY A 79 9.24 7.17 -9.54
CA GLY A 79 7.83 7.12 -9.92
C GLY A 79 7.58 8.07 -11.08
N PRO A 80 6.41 7.94 -11.71
CA PRO A 80 6.05 8.83 -12.81
C PRO A 80 5.72 10.22 -12.25
N SER A 81 5.86 11.25 -13.07
CA SER A 81 5.40 12.59 -12.69
C SER A 81 3.93 12.46 -12.31
N PRO A 82 3.49 13.16 -11.25
CA PRO A 82 4.22 14.17 -10.49
C PRO A 82 4.93 13.63 -9.23
N VAL A 83 5.18 12.32 -9.16
CA VAL A 83 5.96 11.78 -8.04
C VAL A 83 7.32 11.22 -8.47
N SER A 84 7.93 11.81 -9.49
CA SER A 84 9.27 11.41 -9.92
C SER A 84 10.30 11.92 -8.92
N SER A 85 11.50 11.35 -8.96
CA SER A 85 12.54 11.72 -8.01
C SER A 85 13.09 13.10 -8.28
N GLY A 86 12.73 13.67 -9.43
CA GLY A 86 13.12 15.02 -9.78
C GLY A 86 12.21 16.05 -9.14
N GLU A 87 11.01 15.64 -8.74
CA GLU A 87 10.08 16.59 -8.16
C GLU A 87 9.74 16.39 -6.67
N ILE A 88 9.93 15.17 -6.15
CA ILE A 88 9.76 14.95 -4.71
C ILE A 88 10.94 14.18 -4.13
N TYR A 89 11.06 14.19 -2.80
CA TYR A 89 12.04 13.34 -2.13
C TYR A 89 11.52 12.84 -0.78
N ASN A 90 12.18 11.81 -0.25
CA ASN A 90 11.79 11.21 1.02
C ASN A 90 10.32 10.79 1.05
N TYR A 91 9.84 10.17 -0.02
CA TYR A 91 8.49 9.63 0.01
C TYR A 91 8.44 8.38 0.87
N VAL A 92 7.54 8.37 1.84
CA VAL A 92 7.31 7.17 2.67
C VAL A 92 5.84 6.81 2.64
N GLY A 93 5.54 5.55 2.34
CA GLY A 93 4.18 5.05 2.36
C GLY A 93 4.04 4.14 3.57
N ASN A 94 2.86 4.10 4.16
CA ASN A 94 2.65 3.40 5.44
C ASN A 94 1.27 2.77 5.40
N LEU A 95 1.23 1.45 5.23
CA LEU A 95 -0.03 0.71 5.12
C LEU A 95 -0.25 -0.17 6.35
N HIS A 96 -1.40 -0.02 6.99
CA HIS A 96 -1.57 -0.58 8.33
C HIS A 96 -3.02 -1.03 8.57
N LEU A 97 -3.18 -2.17 9.23
CA LEU A 97 -4.50 -2.74 9.51
C LEU A 97 -4.80 -2.71 11.00
N LEU A 98 -6.08 -2.53 11.34
CA LEU A 98 -6.54 -2.70 12.72
C LEU A 98 -7.85 -3.48 12.69
N PRO A 99 -8.07 -4.30 13.72
CA PRO A 99 -9.37 -5.00 13.78
C PRO A 99 -10.46 -4.07 14.27
N VAL A 100 -11.65 -4.25 13.72
CA VAL A 100 -12.86 -3.64 14.23
C VAL A 100 -13.55 -4.77 14.98
N THR A 101 -13.33 -4.83 16.29
CA THR A 101 -13.66 -6.04 17.03
C THR A 101 -15.15 -6.34 17.19
N ILE A 102 -15.98 -5.30 17.24
CA ILE A 102 -17.39 -5.54 17.56
C ILE A 102 -18.06 -6.46 16.52
N ASP A 103 -17.68 -6.31 15.25
CA ASP A 103 -18.25 -7.16 14.20
C ASP A 103 -17.18 -7.90 13.41
N ASP A 104 -15.96 -7.91 13.92
CA ASP A 104 -14.91 -8.73 13.32
C ASP A 104 -14.62 -8.30 11.90
N THR A 105 -14.54 -6.99 11.68
CA THR A 105 -14.15 -6.47 10.39
C THR A 105 -12.75 -5.85 10.49
N THR A 106 -12.35 -5.14 9.45
CA THR A 106 -10.99 -4.61 9.36
C THR A 106 -10.98 -3.14 8.95
N PHE A 107 -10.27 -2.33 9.72
CA PHE A 107 -9.96 -0.95 9.37
C PHE A 107 -8.62 -0.95 8.64
N VAL A 108 -8.56 -0.28 7.49
CA VAL A 108 -7.33 -0.18 6.73
C VAL A 108 -6.94 1.27 6.53
N GLU A 109 -5.74 1.66 6.94
CA GLU A 109 -5.27 3.02 6.70
C GLU A 109 -4.00 3.03 5.86
N TRP A 110 -3.89 4.03 4.99
CA TRP A 110 -2.71 4.18 4.15
C TRP A 110 -2.29 5.64 4.19
N SER A 111 -1.08 5.88 4.66
CA SER A 111 -0.51 7.23 4.75
C SER A 111 0.64 7.38 3.77
N GLY A 112 0.82 8.61 3.27
CA GLY A 112 1.95 8.92 2.42
C GLY A 112 2.47 10.28 2.82
N SER A 113 3.78 10.43 2.83
CA SER A 113 4.34 11.74 3.09
C SER A 113 5.64 11.91 2.32
N TRP A 114 5.92 13.14 1.94
CA TRP A 114 7.10 13.44 1.16
C TRP A 114 7.46 14.90 1.28
N GLU A 115 8.64 15.25 0.74
CA GLU A 115 9.07 16.63 0.66
C GLU A 115 9.00 17.07 -0.78
N SER A 116 8.65 18.34 -0.99
CA SER A 116 8.46 18.86 -2.34
C SER A 116 8.32 20.36 -2.29
N ALA A 117 8.69 21.01 -3.39
CA ALA A 117 8.46 22.43 -3.52
C ALA A 117 6.99 22.74 -3.78
N SER A 118 6.20 21.73 -4.14
CA SER A 118 4.78 21.94 -4.42
C SER A 118 3.88 20.89 -3.81
N THR A 119 2.57 21.10 -3.93
CA THR A 119 1.60 20.13 -3.46
C THR A 119 0.96 19.39 -4.63
N GLU A 120 1.57 19.52 -5.80
CA GLU A 120 1.01 18.95 -7.03
C GLU A 120 0.72 17.46 -6.90
N ALA A 121 1.52 16.76 -6.11
CA ALA A 121 1.34 15.32 -5.98
C ALA A 121 0.21 14.90 -5.05
N VAL A 122 -0.40 15.85 -4.34
CA VAL A 122 -1.38 15.50 -3.31
C VAL A 122 -2.62 14.88 -3.93
N GLU A 123 -3.22 15.57 -4.89
CA GLU A 123 -4.40 15.02 -5.55
C GLU A 123 -4.05 13.67 -6.19
N TYR A 124 -2.90 13.60 -6.83
CA TYR A 124 -2.50 12.39 -7.55
C TYR A 124 -2.39 11.16 -6.64
N ASN A 126 -3.77 10.82 -3.55
CA ASN A 126 -5.12 10.55 -3.07
C ASN A 126 -5.85 9.63 -4.04
N THR A 127 -5.70 9.91 -5.33
CA THR A 127 -6.35 9.12 -6.37
C THR A 127 -5.81 7.71 -6.40
N VAL A 128 -4.49 7.57 -6.38
CA VAL A 128 -3.85 6.26 -6.32
C VAL A 128 -4.28 5.45 -5.10
N TYR A 129 -4.10 6.00 -3.91
CA TYR A 129 -4.47 5.28 -2.69
C TYR A 129 -5.95 4.91 -2.63
N ARG A 130 -6.83 5.78 -3.10
CA ARG A 130 -8.25 5.48 -3.04
C ARG A 130 -8.59 4.31 -3.96
N SER A 131 -7.90 4.23 -5.10
CA SER A 131 -8.09 3.13 -6.03
C SER A 131 -7.60 1.81 -5.46
N LEU A 132 -6.40 1.82 -4.87
CA LEU A 132 -5.84 0.61 -4.26
C LEU A 132 -6.75 0.10 -3.14
N LEU A 133 -7.19 1.01 -2.27
CA LEU A 133 -8.08 0.62 -1.17
C LEU A 133 -9.42 0.12 -1.69
N ALA A 134 -9.93 0.76 -2.73
CA ALA A 134 -11.21 0.36 -3.33
C ALA A 134 -11.18 -1.07 -3.87
N ASP A 135 -10.05 -1.46 -4.46
CA ASP A 135 -9.85 -2.85 -4.86
C ASP A 135 -9.91 -3.79 -3.65
N LEU A 136 -9.26 -3.38 -2.57
CA LEU A 136 -9.19 -4.22 -1.37
C LEU A 136 -10.59 -4.43 -0.80
N ALA A 137 -11.37 -3.37 -0.74
CA ALA A 137 -12.75 -3.44 -0.27
C ALA A 137 -13.61 -4.28 -1.20
N ALA A 138 -13.47 -4.08 -2.51
CA ALA A 138 -14.29 -4.81 -3.46
C ALA A 138 -14.07 -6.30 -3.34
N GLU A 139 -12.85 -6.69 -2.96
CA GLU A 139 -12.54 -8.11 -2.81
C GLU A 139 -13.20 -8.71 -1.56
N PHE A 140 -13.37 -7.90 -0.52
CA PHE A 140 -13.95 -8.37 0.73
C PHE A 140 -15.27 -7.65 1.01
N THR A 141 -16.33 -8.06 0.33
CA THR A 141 -17.62 -7.41 0.48
C THR A 141 -18.44 -7.98 1.63
N SER A 142 -19.42 -7.23 2.10
CA SER A 142 -20.32 -7.68 3.16
C SER A 142 -21.07 -8.94 2.74
N GLU A 143 -20.99 -9.26 1.45
CA GLU A 143 -21.65 -10.45 0.91
C GLU A 143 -20.63 -11.47 0.41
N SER A 144 -19.44 -10.99 0.06
CA SER A 144 -18.34 -11.87 -0.31
C SER A 144 -17.89 -12.67 0.90
N ARG A 145 -18.36 -12.26 2.08
CA ARG A 145 -18.15 -13.01 3.31
C ARG A 145 -19.36 -13.92 3.58
N ARG A 146 -19.64 -14.82 2.63
CA ARG A 146 -20.74 -15.77 2.81
C ARG A 146 -20.25 -17.21 2.88
#